data_6G1O
#
_entry.id   6G1O
#
_cell.length_a   80.943
_cell.length_b   116.023
_cell.length_c   128.533
_cell.angle_alpha   90.000
_cell.angle_beta   90.000
_cell.angle_gamma   90.000
#
_symmetry.space_group_name_H-M   'I 2 2 2'
#
loop_
_entity.id
_entity.type
_entity.pdbx_description
1 polymer 'Isocitrate lyase'
2 non-polymer 'CALCIUM ION'
3 non-polymer 'GLYOXYLIC ACID'
4 water water
#
_entity_poly.entity_id   1
_entity_poly.type   'polypeptide(L)'
_entity_poly.pdbx_seq_one_letter_code
;MSAYQNEIKAVAALKEKNGSSWSAINPEYAARMRIQNRFKTGLDIAKYTAAIMRKDMAEYDADSSVYTQSLGCWHGFIGQ
QKLISIKKHLKTTNKRYLYLSGWMVAALRSDFGPLPDQSMHEKTAVSGLIEELYTFLRQADARELDLLFTGLDAARAAGD
KAKEAELLAQIDNFETHVVPIIADIDAGFGNAEATYLLAKKMIEAGACCIQIENQVSDEKQCGHQDGKVTVPHIDFLAKI
NAVRYAFLELGVDDGVIVARTDSLGAGLTKQIAVTNEPGDLGDLYNSFLDCEEISESELGNGDVVIKREGKLLRPKRLAS
NLFQFRKGTGEDRCVLDCITSLQNGADLLWIETEKPHVGQIKAMVDRIREVIPNAKLVYNNSPSFNWTLNFRQQVFDAFV
AEGKDVSAYDRNKLMSVEYDDTELAKVADEKIRTFQRDGSAHAGIFHHLITLPTYHTAALSTDNLAKGYFADEGMLAYVK
GVQRQE
;
_entity_poly.pdbx_strand_id   A
#
loop_
_chem_comp.id
_chem_comp.type
_chem_comp.name
_chem_comp.formula
CA non-polymer 'CALCIUM ION' 'Ca 2'
GLV non-polymer 'GLYOXYLIC ACID' 'C2 H2 O3'
#
# COMPACT_ATOMS: atom_id res chain seq x y z
N MET A 1 -30.42 -14.89 19.26
CA MET A 1 -30.37 -15.83 18.09
C MET A 1 -29.18 -15.58 17.12
N SER A 2 -28.63 -16.64 16.53
CA SER A 2 -27.46 -16.46 15.66
C SER A 2 -27.89 -15.81 14.33
N ALA A 3 -26.90 -15.31 13.58
CA ALA A 3 -27.17 -14.78 12.25
C ALA A 3 -27.84 -15.84 11.37
N TYR A 4 -27.33 -17.08 11.42
CA TYR A 4 -27.88 -18.17 10.62
C TYR A 4 -29.34 -18.45 10.98
N GLN A 5 -29.62 -18.60 12.27
CA GLN A 5 -31.01 -18.81 12.71
C GLN A 5 -31.89 -17.65 12.29
N ASN A 6 -31.43 -16.43 12.51
CA ASN A 6 -32.24 -15.27 12.14
C ASN A 6 -32.58 -15.30 10.66
N GLU A 7 -31.64 -15.75 9.81
CA GLU A 7 -31.94 -15.74 8.38
C GLU A 7 -32.89 -16.86 8.02
N ILE A 8 -32.76 -18.06 8.64
CA ILE A 8 -33.75 -19.12 8.41
C ILE A 8 -35.14 -18.62 8.75
N LYS A 9 -35.29 -18.03 9.94
CA LYS A 9 -36.58 -17.46 10.37
C LYS A 9 -37.11 -16.43 9.37
N ALA A 10 -36.22 -15.55 8.89
CA ALA A 10 -36.63 -14.51 7.94
C ALA A 10 -37.13 -15.11 6.64
N VAL A 11 -36.45 -16.13 6.10
CA VAL A 11 -36.91 -16.70 4.84
C VAL A 11 -38.15 -17.55 5.05
N ALA A 12 -38.23 -18.27 6.17
CA ALA A 12 -39.45 -19.04 6.44
C ALA A 12 -40.68 -18.13 6.50
N ALA A 13 -40.54 -16.95 7.08
CA ALA A 13 -41.65 -16.00 7.14
C ALA A 13 -42.07 -15.52 5.75
N LEU A 14 -41.11 -15.24 4.86
CA LEU A 14 -41.48 -14.89 3.48
C LEU A 14 -42.17 -16.03 2.79
N LYS A 15 -41.67 -17.25 3.00
CA LYS A 15 -42.31 -18.40 2.39
C LYS A 15 -43.75 -18.50 2.86
N GLU A 16 -43.98 -18.32 4.15
CA GLU A 16 -45.34 -18.41 4.70
C GLU A 16 -46.22 -17.31 4.13
N LYS A 17 -45.71 -16.08 4.10
CA LYS A 17 -46.45 -14.97 3.54
C LYS A 17 -46.85 -15.20 2.10
N ASN A 18 -45.99 -15.85 1.31
CA ASN A 18 -46.26 -16.05 -0.10
C ASN A 18 -47.08 -17.30 -0.37
N GLY A 19 -47.14 -18.23 0.57
CA GLY A 19 -48.02 -19.36 0.42
C GLY A 19 -47.40 -20.51 -0.38
N SER A 20 -48.28 -21.39 -0.85
CA SER A 20 -47.83 -22.63 -1.47
C SER A 20 -47.08 -22.42 -2.79
N SER A 21 -47.20 -21.25 -3.42
CA SER A 21 -46.43 -21.03 -4.63
C SER A 21 -44.93 -21.05 -4.37
N TRP A 22 -44.48 -20.79 -3.14
CA TRP A 22 -43.07 -20.89 -2.81
C TRP A 22 -42.71 -22.22 -2.14
N SER A 23 -43.48 -23.28 -2.38
CA SER A 23 -43.26 -24.53 -1.66
C SER A 23 -41.88 -25.12 -1.93
N ALA A 24 -41.32 -24.86 -3.12
CA ALA A 24 -40.03 -25.44 -3.44
C ALA A 24 -38.86 -24.71 -2.81
N ILE A 25 -39.10 -23.54 -2.22
CA ILE A 25 -38.03 -22.75 -1.61
C ILE A 25 -37.69 -23.32 -0.24
N ASN A 26 -36.43 -23.60 -0.03
CA ASN A 26 -35.99 -24.20 1.21
C ASN A 26 -35.39 -23.10 2.06
N PRO A 27 -36.02 -22.74 3.19
CA PRO A 27 -35.54 -21.56 3.92
C PRO A 27 -34.14 -21.70 4.46
N GLU A 28 -33.75 -22.90 4.92
CA GLU A 28 -32.39 -23.06 5.42
C GLU A 28 -31.37 -22.93 4.28
N TYR A 29 -31.70 -23.46 3.11
CA TYR A 29 -30.81 -23.34 1.97
C TYR A 29 -30.62 -21.88 1.58
N ALA A 30 -31.72 -21.12 1.50
CA ALA A 30 -31.65 -19.68 1.23
C ALA A 30 -30.85 -18.98 2.31
N ALA A 31 -31.04 -19.40 3.57
CA ALA A 31 -30.30 -18.76 4.65
C ALA A 31 -28.81 -18.96 4.47
N ARG A 32 -28.40 -20.15 4.04
CA ARG A 32 -26.98 -20.42 3.84
C ARG A 32 -26.43 -19.51 2.76
N MET A 33 -27.18 -19.31 1.68
CA MET A 33 -26.71 -18.39 0.65
C MET A 33 -26.51 -16.99 1.22
N ARG A 34 -27.43 -16.55 2.08
CA ARG A 34 -27.26 -15.24 2.68
C ARG A 34 -26.04 -15.17 3.57
N ILE A 35 -25.80 -16.20 4.41
CA ILE A 35 -24.60 -16.21 5.25
C ILE A 35 -23.35 -16.26 4.38
N GLN A 36 -23.42 -16.95 3.27
CA GLN A 36 -22.27 -17.04 2.36
C GLN A 36 -22.02 -15.75 1.58
N ASN A 37 -22.89 -14.77 1.70
CA ASN A 37 -22.74 -13.49 0.98
C ASN A 37 -23.00 -12.37 2.00
N ARG A 38 -22.05 -12.22 2.92
CA ARG A 38 -22.17 -11.24 3.99
C ARG A 38 -22.04 -9.83 3.47
N PHE A 39 -21.15 -9.61 2.49
CA PHE A 39 -20.82 -8.27 2.00
C PHE A 39 -21.43 -8.17 0.60
N LYS A 40 -22.64 -7.64 0.52
CA LYS A 40 -23.37 -7.68 -0.73
C LYS A 40 -22.90 -6.64 -1.73
N THR A 41 -22.24 -5.58 -1.28
CA THR A 41 -21.78 -4.51 -2.17
C THR A 41 -20.39 -4.09 -1.73
N GLY A 42 -19.65 -3.47 -2.66
CA GLY A 42 -18.38 -2.89 -2.31
C GLY A 42 -18.44 -1.83 -1.24
N LEU A 43 -19.52 -1.04 -1.19
CA LEU A 43 -19.59 -0.01 -0.16
C LEU A 43 -19.75 -0.63 1.22
N ASP A 44 -20.39 -1.79 1.31
CA ASP A 44 -20.44 -2.48 2.59
C ASP A 44 -19.04 -2.89 3.04
N ILE A 45 -18.20 -3.33 2.10
CA ILE A 45 -16.81 -3.67 2.42
C ILE A 45 -16.06 -2.42 2.86
N ALA A 46 -16.21 -1.32 2.11
CA ALA A 46 -15.44 -0.11 2.43
C ALA A 46 -15.73 0.40 3.84
N LYS A 47 -16.97 0.35 4.27
CA LYS A 47 -17.33 0.83 5.60
C LYS A 47 -16.80 -0.11 6.68
N TYR A 48 -16.92 -1.42 6.44
CA TYR A 48 -16.43 -2.42 7.38
C TYR A 48 -14.92 -2.31 7.55
N THR A 49 -14.19 -2.23 6.44
CA THR A 49 -12.73 -2.19 6.52
C THR A 49 -12.23 -0.84 7.03
N ALA A 50 -12.93 0.25 6.73
CA ALA A 50 -12.48 1.53 7.26
C ALA A 50 -12.44 1.52 8.79
N ALA A 51 -13.46 0.93 9.41
CA ALA A 51 -13.51 0.83 10.86
C ALA A 51 -12.36 -0.01 11.42
N ILE A 52 -12.00 -1.09 10.71
CA ILE A 52 -10.85 -1.90 11.10
C ILE A 52 -9.57 -1.06 11.06
N MET A 53 -9.36 -0.30 9.98
CA MET A 53 -8.12 0.45 9.88
C MET A 53 -8.05 1.51 10.98
N ARG A 54 -9.16 2.18 11.25
CA ARG A 54 -9.20 3.18 12.30
C ARG A 54 -8.88 2.57 13.67
N LYS A 55 -9.43 1.39 13.96
CA LYS A 55 -9.11 0.66 15.19
C LYS A 55 -7.64 0.31 15.28
N ASP A 56 -7.08 -0.24 14.20
CA ASP A 56 -5.65 -0.54 14.16
C ASP A 56 -4.81 0.72 14.36
N MET A 57 -5.18 1.84 13.74
CA MET A 57 -4.39 3.06 13.94
C MET A 57 -4.39 3.47 15.41
N ALA A 58 -5.54 3.38 16.06
CA ALA A 58 -5.62 3.68 17.50
C ALA A 58 -4.80 2.70 18.34
N GLU A 59 -4.82 1.41 18.01
CA GLU A 59 -4.03 0.45 18.78
C GLU A 59 -2.54 0.64 18.59
N TYR A 60 -2.10 1.08 17.39
CA TYR A 60 -0.70 1.39 17.18
C TYR A 60 -0.27 2.63 17.98
N ASP A 61 -1.14 3.65 18.01
CA ASP A 61 -0.90 4.85 18.82
C ASP A 61 -0.68 4.48 20.29
N ALA A 62 -1.45 3.55 20.82
CA ALA A 62 -1.28 3.10 22.19
C ALA A 62 -0.08 2.18 22.39
N ASP A 63 0.38 1.47 21.35
CA ASP A 63 1.45 0.47 21.50
C ASP A 63 2.15 0.24 20.16
N SER A 64 3.38 0.75 20.02
CA SER A 64 4.12 0.76 18.75
C SER A 64 4.57 -0.62 18.29
N SER A 65 4.38 -1.65 19.12
CA SER A 65 4.61 -3.03 18.71
C SER A 65 3.46 -3.61 17.91
N VAL A 66 2.29 -2.98 17.93
CA VAL A 66 1.09 -3.50 17.29
C VAL A 66 0.89 -2.80 15.96
N TYR A 67 1.66 -3.22 14.97
CA TYR A 67 1.60 -2.58 13.67
C TYR A 67 0.95 -3.52 12.67
N THR A 68 0.87 -3.07 11.41
CA THR A 68 0.12 -3.79 10.38
C THR A 68 1.02 -4.04 9.17
N GLN A 69 0.62 -5.03 8.36
CA GLN A 69 1.45 -5.45 7.24
C GLN A 69 0.59 -5.80 6.03
N SER A 70 1.18 -5.67 4.83
CA SER A 70 0.54 -6.16 3.62
C SER A 70 1.58 -6.51 2.57
N LEU A 71 1.15 -7.32 1.59
CA LEU A 71 1.90 -7.56 0.37
C LEU A 71 1.05 -7.11 -0.83
N GLY A 72 1.67 -6.46 -1.80
CA GLY A 72 1.01 -6.12 -3.04
C GLY A 72 0.57 -7.36 -3.78
N CYS A 73 -0.68 -7.37 -4.27
CA CYS A 73 -1.23 -8.50 -5.01
C CYS A 73 -1.77 -8.04 -6.37
N TRP A 74 -1.42 -8.74 -7.44
CA TRP A 74 -1.74 -8.24 -8.77
C TRP A 74 -2.96 -8.91 -9.41
N HIS A 75 -3.56 -9.86 -8.71
CA HIS A 75 -4.76 -10.54 -9.17
C HIS A 75 -5.55 -10.99 -7.96
N GLY A 76 -6.87 -11.06 -8.13
CA GLY A 76 -7.75 -11.56 -7.09
C GLY A 76 -7.33 -12.91 -6.54
N PHE A 77 -6.84 -13.78 -7.41
CA PHE A 77 -6.43 -15.11 -6.96
C PHE A 77 -5.23 -15.04 -6.04
N ILE A 78 -4.29 -14.11 -6.33
CA ILE A 78 -3.10 -13.95 -5.51
C ILE A 78 -3.48 -13.42 -4.13
N GLY A 79 -4.32 -12.37 -4.10
CA GLY A 79 -4.84 -11.89 -2.83
C GLY A 79 -5.55 -12.98 -2.06
N GLN A 80 -6.37 -13.77 -2.76
CA GLN A 80 -7.14 -14.82 -2.10
C GLN A 80 -6.23 -15.85 -1.44
N GLN A 81 -5.21 -16.31 -2.16
CA GLN A 81 -4.30 -17.32 -1.62
C GLN A 81 -3.46 -16.76 -0.50
N LYS A 82 -3.15 -15.47 -0.55
CA LYS A 82 -2.46 -14.83 0.58
C LYS A 82 -3.32 -14.87 1.85
N LEU A 83 -4.62 -14.55 1.73
CA LEU A 83 -5.48 -14.50 2.92
C LEU A 83 -5.80 -15.91 3.42
N ILE A 84 -5.94 -16.87 2.49
CA ILE A 84 -6.10 -18.26 2.89
C ILE A 84 -4.87 -18.74 3.67
N SER A 85 -3.69 -18.39 3.19
CA SER A 85 -2.46 -18.78 3.88
C SER A 85 -2.38 -18.15 5.26
N ILE A 86 -2.70 -16.85 5.37
CA ILE A 86 -2.73 -16.18 6.66
C ILE A 86 -3.64 -16.91 7.64
N LYS A 87 -4.84 -17.27 7.21
CA LYS A 87 -5.78 -17.91 8.13
C LYS A 87 -5.29 -19.31 8.51
N LYS A 88 -4.75 -20.05 7.53
CA LYS A 88 -4.26 -21.39 7.81
C LYS A 88 -3.11 -21.40 8.80
N HIS A 89 -2.11 -20.55 8.60
CA HIS A 89 -0.90 -20.63 9.40
C HIS A 89 -0.92 -19.75 10.63
N LEU A 90 -1.55 -18.58 10.55
CA LEU A 90 -1.40 -17.56 11.59
C LEU A 90 -2.69 -17.33 12.36
N LYS A 91 -3.77 -17.97 11.96
CA LYS A 91 -4.96 -18.18 12.74
C LYS A 91 -5.85 -16.93 12.83
N THR A 92 -5.40 -15.76 12.38
CA THR A 92 -6.29 -14.61 12.31
C THR A 92 -5.84 -13.66 11.21
N THR A 93 -6.81 -12.95 10.64
CA THR A 93 -6.53 -11.89 9.67
C THR A 93 -6.11 -10.59 10.33
N ASN A 94 -6.33 -10.47 11.64
CA ASN A 94 -6.05 -9.22 12.34
C ASN A 94 -4.62 -8.78 12.05
N LYS A 95 -4.49 -7.50 11.67
CA LYS A 95 -3.28 -6.76 11.39
C LYS A 95 -2.71 -7.08 10.01
N ARG A 96 -3.48 -7.71 9.13
CA ARG A 96 -3.02 -7.99 7.77
C ARG A 96 -4.00 -7.36 6.80
N TYR A 97 -3.45 -6.61 5.82
CA TYR A 97 -4.20 -5.88 4.84
C TYR A 97 -3.73 -6.35 3.45
N LEU A 98 -4.46 -5.91 2.43
CA LEU A 98 -4.02 -5.96 1.05
C LEU A 98 -3.38 -4.64 0.64
N TYR A 99 -2.49 -4.68 -0.35
CA TYR A 99 -1.97 -3.47 -0.98
C TYR A 99 -2.25 -3.54 -2.48
N LEU A 100 -2.82 -2.49 -3.05
CA LEU A 100 -3.02 -2.39 -4.51
C LEU A 100 -1.88 -1.56 -5.10
N SER A 101 -1.00 -2.22 -5.84
CA SER A 101 0.20 -1.61 -6.40
C SER A 101 -0.12 -1.00 -7.76
N GLY A 102 0.00 0.32 -7.88
CA GLY A 102 -0.14 0.94 -9.18
C GLY A 102 0.91 0.47 -10.16
N TRP A 103 2.11 0.17 -9.67
CA TRP A 103 3.16 -0.35 -10.54
C TRP A 103 2.72 -1.67 -11.18
N MET A 104 2.16 -2.59 -10.37
CA MET A 104 1.74 -3.88 -10.91
C MET A 104 0.50 -3.76 -11.80
N VAL A 105 -0.41 -2.80 -11.55
CA VAL A 105 -1.51 -2.59 -12.51
C VAL A 105 -0.93 -2.18 -13.87
N ALA A 106 0.01 -1.22 -13.86
CA ALA A 106 0.64 -0.79 -15.11
C ALA A 106 1.36 -1.93 -15.79
N ALA A 107 2.14 -2.71 -15.00
CA ALA A 107 2.99 -3.77 -15.56
C ALA A 107 2.19 -4.97 -16.05
N LEU A 108 1.02 -5.24 -15.47
CA LEU A 108 0.36 -6.52 -15.66
C LEU A 108 -1.11 -6.47 -16.07
N ARG A 109 -1.85 -5.41 -15.73
CA ARG A 109 -3.31 -5.50 -15.84
C ARG A 109 -3.93 -4.60 -16.91
N SER A 110 -3.12 -3.89 -17.68
CA SER A 110 -3.66 -3.02 -18.73
C SER A 110 -4.04 -3.75 -20.01
N ASP A 111 -5.11 -3.27 -20.65
CA ASP A 111 -5.44 -3.68 -22.02
C ASP A 111 -4.35 -3.33 -23.03
N PHE A 112 -3.43 -2.45 -22.67
CA PHE A 112 -2.30 -2.16 -23.55
C PHE A 112 -1.16 -3.15 -23.42
N GLY A 113 -1.25 -4.12 -22.53
CA GLY A 113 -0.10 -4.95 -22.18
C GLY A 113 0.79 -4.21 -21.18
N PRO A 114 1.95 -4.79 -20.87
CA PRO A 114 2.86 -4.19 -19.88
C PRO A 114 3.22 -2.76 -20.22
N LEU A 115 3.08 -1.89 -19.23
CA LEU A 115 3.41 -0.48 -19.37
C LEU A 115 4.29 -0.05 -18.22
N PRO A 116 5.12 0.97 -18.43
CA PRO A 116 5.86 1.58 -17.31
C PRO A 116 4.89 2.27 -16.34
N ASP A 117 5.41 2.59 -15.16
CA ASP A 117 4.61 3.09 -14.02
C ASP A 117 4.46 4.60 -14.08
N GLN A 118 3.62 5.05 -15.05
CA GLN A 118 3.46 6.46 -15.36
C GLN A 118 2.01 6.87 -15.54
N SER A 119 1.07 6.09 -15.00
CA SER A 119 -0.36 6.38 -15.09
C SER A 119 -0.82 6.54 -16.54
N MET A 120 -0.25 5.74 -17.44
CA MET A 120 -0.61 5.80 -18.85
C MET A 120 -1.69 4.79 -19.23
N HIS A 121 -1.93 3.79 -18.38
CA HIS A 121 -2.93 2.76 -18.67
C HIS A 121 -4.33 3.31 -18.38
N GLU A 122 -5.32 2.55 -18.83
CA GLU A 122 -6.70 2.91 -18.59
C GLU A 122 -7.02 2.85 -17.10
N LYS A 123 -7.59 3.92 -16.57
CA LYS A 123 -7.64 4.01 -15.09
C LYS A 123 -8.62 3.04 -14.45
N THR A 124 -9.58 2.54 -15.23
CA THR A 124 -10.51 1.52 -14.75
C THR A 124 -9.82 0.19 -14.40
N ALA A 125 -8.58 -0.03 -14.85
CA ALA A 125 -7.85 -1.23 -14.41
C ALA A 125 -7.58 -1.18 -12.90
N VAL A 126 -7.46 0.00 -12.33
CA VAL A 126 -7.22 0.14 -10.88
C VAL A 126 -8.44 -0.27 -10.08
N SER A 127 -9.59 0.37 -10.33
CA SER A 127 -10.81 0.00 -9.66
C SER A 127 -11.20 -1.44 -10.00
N GLY A 128 -10.93 -1.89 -11.23
CA GLY A 128 -11.26 -3.25 -11.60
C GLY A 128 -10.54 -4.28 -10.74
N LEU A 129 -9.29 -4.01 -10.40
CA LEU A 129 -8.53 -4.97 -9.59
C LEU A 129 -9.02 -4.98 -8.15
N ILE A 130 -9.43 -3.82 -7.61
CA ILE A 130 -9.99 -3.80 -6.26
C ILE A 130 -11.23 -4.68 -6.18
N GLU A 131 -12.14 -4.52 -7.16
CA GLU A 131 -13.34 -5.33 -7.20
C GLU A 131 -13.02 -6.82 -7.34
N GLU A 132 -12.09 -7.15 -8.22
CA GLU A 132 -11.64 -8.53 -8.39
C GLU A 132 -11.09 -9.13 -7.09
N LEU A 133 -10.21 -8.40 -6.40
CA LEU A 133 -9.68 -8.88 -5.13
C LEU A 133 -10.81 -9.17 -4.16
N TYR A 134 -11.77 -8.25 -4.01
CA TYR A 134 -12.86 -8.52 -3.08
C TYR A 134 -13.81 -9.60 -3.58
N THR A 135 -14.02 -9.75 -4.90
CA THR A 135 -14.78 -10.89 -5.37
C THR A 135 -14.15 -12.20 -4.96
N PHE A 136 -12.83 -12.30 -5.08
CA PHE A 136 -12.16 -13.56 -4.73
C PHE A 136 -12.18 -13.80 -3.22
N LEU A 137 -12.00 -12.75 -2.41
CA LEU A 137 -12.07 -12.93 -0.95
C LEU A 137 -13.47 -13.35 -0.51
N ARG A 138 -14.50 -12.74 -1.10
CA ARG A 138 -15.89 -13.12 -0.79
C ARG A 138 -16.17 -14.56 -1.21
N GLN A 139 -15.63 -14.99 -2.36
CA GLN A 139 -15.80 -16.38 -2.76
C GLN A 139 -15.09 -17.35 -1.82
N ALA A 140 -13.94 -16.96 -1.28
CA ALA A 140 -13.26 -17.82 -0.31
C ALA A 140 -14.12 -18.01 0.94
N ASP A 141 -14.74 -16.93 1.42
CA ASP A 141 -15.73 -17.04 2.51
C ASP A 141 -16.81 -18.03 2.16
N ALA A 142 -17.41 -17.86 0.98
CA ALA A 142 -18.53 -18.69 0.58
C ALA A 142 -18.14 -20.15 0.52
N ARG A 143 -16.95 -20.45 -0.02
CA ARG A 143 -16.53 -21.85 -0.13
C ARG A 143 -16.30 -22.48 1.25
N GLU A 144 -15.65 -21.76 2.15
CA GLU A 144 -15.38 -22.32 3.48
C GLU A 144 -16.66 -22.48 4.30
N LEU A 145 -17.58 -21.52 4.21
CA LEU A 145 -18.88 -21.67 4.84
C LEU A 145 -19.68 -22.83 4.23
N ASP A 146 -19.62 -23.00 2.91
CA ASP A 146 -20.31 -24.13 2.31
C ASP A 146 -19.79 -25.45 2.86
N LEU A 147 -18.47 -25.55 3.08
CA LEU A 147 -17.88 -26.74 3.66
C LEU A 147 -18.37 -26.96 5.08
N LEU A 148 -18.52 -25.87 5.84
CA LEU A 148 -19.06 -25.99 7.21
C LEU A 148 -20.51 -26.42 7.21
N PHE A 149 -21.32 -25.90 6.28
CA PHE A 149 -22.71 -26.33 6.19
C PHE A 149 -22.82 -27.78 5.74
N THR A 150 -21.89 -28.24 4.90
CA THR A 150 -21.83 -29.65 4.52
C THR A 150 -21.52 -30.54 5.72
N GLY A 151 -20.57 -30.12 6.55
CA GLY A 151 -20.27 -30.87 7.77
C GLY A 151 -21.42 -30.84 8.76
N LEU A 152 -22.13 -29.70 8.83
CA LEU A 152 -23.35 -29.62 9.63
C LEU A 152 -24.38 -30.66 9.20
N ASP A 153 -24.58 -30.82 7.91
CA ASP A 153 -25.55 -31.80 7.43
C ASP A 153 -25.08 -33.22 7.74
N ALA A 154 -23.78 -33.45 7.70
CA ALA A 154 -23.25 -34.78 7.99
C ALA A 154 -23.37 -35.10 9.47
N ALA A 155 -23.08 -34.12 10.34
CA ALA A 155 -23.33 -34.29 11.76
C ALA A 155 -24.78 -34.64 12.03
N ARG A 156 -25.72 -33.90 11.41
CA ARG A 156 -27.14 -34.17 11.60
C ARG A 156 -27.52 -35.54 11.11
N ALA A 157 -27.01 -35.93 9.95
CA ALA A 157 -27.34 -37.25 9.44
C ALA A 157 -26.79 -38.37 10.33
N ALA A 158 -25.76 -38.10 11.12
CA ALA A 158 -25.21 -39.06 12.08
C ALA A 158 -25.77 -38.89 13.50
N GLY A 159 -26.71 -37.97 13.71
CA GLY A 159 -27.22 -37.70 15.04
C GLY A 159 -26.19 -37.21 16.03
N ASP A 160 -25.08 -36.66 15.56
CA ASP A 160 -24.00 -36.20 16.44
C ASP A 160 -24.29 -34.77 16.89
N LYS A 161 -24.81 -34.65 18.12
CA LYS A 161 -25.27 -33.36 18.62
C LYS A 161 -24.11 -32.44 18.99
N ALA A 162 -23.04 -32.99 19.57
CA ALA A 162 -21.91 -32.16 19.95
C ALA A 162 -21.25 -31.55 18.73
N LYS A 163 -21.07 -32.34 17.68
CA LYS A 163 -20.42 -31.86 16.48
C LYS A 163 -21.29 -30.83 15.77
N GLU A 164 -22.60 -31.08 15.69
CA GLU A 164 -23.54 -30.09 15.18
C GLU A 164 -23.37 -28.78 15.92
N ALA A 165 -23.28 -28.85 17.26
CA ALA A 165 -23.15 -27.63 18.06
C ALA A 165 -21.82 -26.92 17.82
N GLU A 166 -20.72 -27.68 17.67
CA GLU A 166 -19.43 -27.05 17.39
C GLU A 166 -19.42 -26.40 16.01
N LEU A 167 -20.02 -27.06 15.01
CA LEU A 167 -20.05 -26.48 13.67
C LEU A 167 -20.90 -25.22 13.64
N LEU A 168 -22.06 -25.23 14.30
CA LEU A 168 -22.86 -24.01 14.35
C LEU A 168 -22.09 -22.87 14.99
N ALA A 169 -21.22 -23.17 15.96
CA ALA A 169 -20.41 -22.13 16.58
C ALA A 169 -19.32 -21.63 15.63
N GLN A 170 -18.72 -22.54 14.87
CA GLN A 170 -17.75 -22.14 13.85
C GLN A 170 -18.40 -21.29 12.77
N ILE A 171 -19.66 -21.59 12.42
CA ILE A 171 -20.36 -20.77 11.45
C ILE A 171 -20.66 -19.39 12.03
N ASP A 172 -21.13 -19.33 13.27
CA ASP A 172 -21.46 -18.03 13.85
C ASP A 172 -20.22 -17.17 14.10
N ASN A 173 -19.06 -17.78 14.36
CA ASN A 173 -17.83 -17.07 14.63
C ASN A 173 -16.89 -17.02 13.42
N PHE A 174 -17.40 -17.28 12.24
CA PHE A 174 -16.53 -17.38 11.07
C PHE A 174 -15.78 -16.05 10.84
N GLU A 175 -14.48 -16.15 10.60
CA GLU A 175 -13.65 -14.98 10.33
C GLU A 175 -13.55 -14.75 8.82
N THR A 176 -14.09 -13.65 8.35
CA THR A 176 -14.08 -13.36 6.91
C THR A 176 -12.65 -13.20 6.38
N HIS A 177 -12.47 -13.56 5.10
CA HIS A 177 -11.22 -13.26 4.40
C HIS A 177 -11.11 -11.78 3.97
N VAL A 178 -12.20 -11.03 4.06
CA VAL A 178 -12.27 -9.62 3.64
C VAL A 178 -11.49 -8.76 4.63
N VAL A 179 -10.45 -8.10 4.14
CA VAL A 179 -9.63 -7.22 4.96
C VAL A 179 -9.48 -5.87 4.27
N PRO A 180 -8.97 -4.86 4.98
CA PRO A 180 -8.72 -3.55 4.36
C PRO A 180 -7.70 -3.62 3.24
N ILE A 181 -7.83 -2.69 2.30
CA ILE A 181 -6.86 -2.52 1.25
C ILE A 181 -6.39 -1.07 1.27
N ILE A 182 -5.10 -0.89 1.06
CA ILE A 182 -4.48 0.41 0.81
C ILE A 182 -4.33 0.49 -0.71
N ALA A 183 -5.10 1.38 -1.34
CA ALA A 183 -5.23 1.43 -2.80
C ALA A 183 -4.52 2.65 -3.38
N ASP A 184 -3.51 2.38 -4.20
CA ASP A 184 -2.70 3.37 -4.90
C ASP A 184 -3.48 4.01 -6.04
N ILE A 185 -3.66 5.32 -5.97
CA ILE A 185 -4.32 6.06 -7.04
C ILE A 185 -3.32 6.93 -7.81
N ASP A 186 -2.03 6.72 -7.57
CA ASP A 186 -0.95 7.50 -8.22
C ASP A 186 -1.18 8.96 -7.85
N ALA A 187 -1.17 9.87 -8.82
CA ALA A 187 -1.52 11.27 -8.61
C ALA A 187 -2.96 11.58 -9.02
N GLY A 188 -3.82 10.56 -9.13
CA GLY A 188 -5.20 10.77 -9.46
C GLY A 188 -5.58 10.62 -10.92
N PHE A 189 -4.62 10.37 -11.80
CA PHE A 189 -4.86 10.14 -13.23
C PHE A 189 -5.51 11.35 -13.88
N GLY A 190 -5.20 12.53 -13.41
CA GLY A 190 -5.79 13.74 -13.94
C GLY A 190 -5.85 14.82 -12.87
N ASN A 191 -6.74 15.78 -13.09
CA ASN A 191 -6.88 16.91 -12.18
C ASN A 191 -7.73 16.52 -10.97
N ALA A 192 -8.15 17.50 -10.16
CA ALA A 192 -8.82 17.16 -8.91
C ALA A 192 -10.18 16.53 -9.17
N GLU A 193 -10.93 17.03 -10.16
CA GLU A 193 -12.22 16.43 -10.50
C GLU A 193 -12.04 15.00 -10.98
N ALA A 194 -11.05 14.74 -11.83
CA ALA A 194 -10.74 13.38 -12.27
C ALA A 194 -10.34 12.48 -11.10
N THR A 195 -9.60 13.04 -10.14
CA THR A 195 -9.21 12.27 -8.96
C THR A 195 -10.44 11.82 -8.18
N TYR A 196 -11.36 12.73 -7.94
CA TYR A 196 -12.62 12.41 -7.28
C TYR A 196 -13.34 11.28 -7.99
N LEU A 197 -13.45 11.36 -9.33
CA LEU A 197 -14.20 10.39 -10.09
C LEU A 197 -13.59 9.01 -9.96
N LEU A 198 -12.26 8.92 -10.01
CA LEU A 198 -11.61 7.61 -9.90
C LEU A 198 -11.68 7.10 -8.47
N ALA A 199 -11.43 7.97 -7.48
CA ALA A 199 -11.53 7.56 -6.09
C ALA A 199 -12.90 6.97 -5.83
N LYS A 200 -13.94 7.65 -6.29
CA LYS A 200 -15.30 7.17 -6.08
C LYS A 200 -15.49 5.76 -6.61
N LYS A 201 -14.97 5.50 -7.81
CA LYS A 201 -15.09 4.15 -8.36
C LYS A 201 -14.27 3.14 -7.55
N MET A 202 -13.12 3.56 -7.00
CA MET A 202 -12.31 2.64 -6.19
C MET A 202 -12.97 2.33 -4.85
N ILE A 203 -13.62 3.33 -4.25
CA ILE A 203 -14.32 3.13 -2.98
C ILE A 203 -15.57 2.28 -3.18
N GLU A 204 -16.32 2.52 -4.26
CA GLU A 204 -17.45 1.66 -4.59
C GLU A 204 -17.02 0.21 -4.81
N ALA A 205 -15.79 -0.02 -5.20
CA ALA A 205 -15.27 -1.37 -5.37
C ALA A 205 -14.83 -2.00 -4.06
N GLY A 206 -14.75 -1.20 -2.99
CA GLY A 206 -14.45 -1.71 -1.68
C GLY A 206 -13.31 -1.02 -0.95
N ALA A 207 -12.61 -0.08 -1.59
CA ALA A 207 -11.42 0.46 -0.95
C ALA A 207 -11.80 1.42 0.18
N CYS A 208 -11.23 1.22 1.38
CA CYS A 208 -11.41 2.12 2.49
C CYS A 208 -10.25 3.10 2.65
N CYS A 209 -9.18 2.92 1.87
CA CYS A 209 -7.96 3.67 2.01
C CYS A 209 -7.38 3.97 0.64
N ILE A 210 -7.10 5.25 0.40
CA ILE A 210 -6.57 5.73 -0.88
C ILE A 210 -5.24 6.42 -0.63
N GLN A 211 -4.23 6.03 -1.40
CA GLN A 211 -2.87 6.59 -1.34
C GLN A 211 -2.63 7.45 -2.56
N ILE A 212 -2.33 8.73 -2.35
CA ILE A 212 -2.16 9.68 -3.44
C ILE A 212 -0.85 10.43 -3.25
N GLU A 213 -0.22 10.82 -4.37
CA GLU A 213 1.16 11.31 -4.36
C GLU A 213 1.28 12.68 -5.01
N ASN A 214 2.37 13.37 -4.66
CA ASN A 214 2.57 14.76 -5.10
C ASN A 214 3.52 14.87 -6.29
N GLN A 215 3.87 13.76 -6.92
CA GLN A 215 4.76 13.80 -8.06
C GLN A 215 3.98 13.84 -9.38
N VAL A 216 4.70 14.18 -10.44
CA VAL A 216 4.19 14.12 -11.80
C VAL A 216 4.99 13.04 -12.52
N SER A 217 4.53 11.79 -12.44
CA SER A 217 5.36 10.67 -12.86
C SER A 217 5.67 10.72 -14.35
N ASP A 218 4.83 11.36 -15.15
CA ASP A 218 5.06 11.30 -16.59
C ASP A 218 6.03 12.39 -17.05
N GLU A 219 6.59 13.17 -16.10
CA GLU A 219 7.63 14.14 -16.41
C GLU A 219 8.99 13.79 -15.80
N LYS A 220 9.16 12.61 -15.19
CA LYS A 220 10.46 12.22 -14.67
C LYS A 220 11.55 12.45 -15.72
N GLN A 221 12.69 13.01 -15.30
CA GLN A 221 13.90 13.00 -16.13
C GLN A 221 14.76 11.79 -15.71
N CYS A 222 14.67 10.68 -16.44
CA CYS A 222 15.49 9.52 -16.12
C CYS A 222 17.00 9.82 -16.16
N GLY A 223 17.40 10.86 -16.89
CA GLY A 223 18.79 11.30 -16.98
C GLY A 223 19.31 12.08 -15.80
N HIS A 224 18.47 12.35 -14.80
CA HIS A 224 18.88 13.02 -13.57
C HIS A 224 18.75 12.05 -12.41
N GLN A 225 19.68 12.13 -11.45
CA GLN A 225 19.61 11.25 -10.29
C GLN A 225 18.33 11.47 -9.51
N ASP A 226 18.02 12.73 -9.21
CA ASP A 226 16.79 13.09 -8.50
C ASP A 226 15.82 13.70 -9.51
N GLY A 227 15.43 12.90 -10.51
CA GLY A 227 14.68 13.36 -11.65
C GLY A 227 13.18 13.42 -11.50
N LYS A 228 12.63 13.08 -10.33
CA LYS A 228 11.20 13.21 -10.17
C LYS A 228 10.81 14.69 -10.07
N VAL A 229 9.54 14.94 -10.35
CA VAL A 229 8.97 16.27 -10.45
C VAL A 229 7.80 16.39 -9.48
N THR A 230 7.82 17.41 -8.63
CA THR A 230 6.70 17.67 -7.74
C THR A 230 5.84 18.84 -8.21
N VAL A 231 4.63 18.93 -7.61
CA VAL A 231 3.68 20.01 -7.83
C VAL A 231 3.61 20.87 -6.57
N PRO A 232 3.20 22.12 -6.66
CA PRO A 232 2.99 22.91 -5.44
C PRO A 232 1.90 22.31 -4.56
N HIS A 233 2.01 22.57 -3.25
CA HIS A 233 1.08 22.02 -2.29
C HIS A 233 -0.38 22.28 -2.64
N ILE A 234 -0.69 23.46 -3.19
CA ILE A 234 -2.09 23.75 -3.44
C ILE A 234 -2.71 22.71 -4.37
N ASP A 235 -1.96 22.27 -5.40
CA ASP A 235 -2.45 21.25 -6.34
C ASP A 235 -2.69 19.92 -5.63
N PHE A 236 -1.73 19.50 -4.82
CA PHE A 236 -1.85 18.25 -4.09
C PHE A 236 -2.94 18.29 -3.04
N LEU A 237 -3.05 19.40 -2.31
CA LEU A 237 -4.11 19.51 -1.31
C LEU A 237 -5.49 19.47 -1.96
N ALA A 238 -5.64 20.03 -3.14
CA ALA A 238 -6.91 19.95 -3.84
C ALA A 238 -7.29 18.49 -4.13
N LYS A 239 -6.29 17.67 -4.46
CA LYS A 239 -6.55 16.26 -4.71
C LYS A 239 -6.87 15.49 -3.43
N ILE A 240 -6.18 15.78 -2.32
CA ILE A 240 -6.62 15.24 -1.03
C ILE A 240 -8.08 15.56 -0.78
N ASN A 241 -8.48 16.83 -1.02
CA ASN A 241 -9.87 17.23 -0.81
C ASN A 241 -10.83 16.47 -1.71
N ALA A 242 -10.45 16.28 -2.98
CA ALA A 242 -11.26 15.50 -3.91
C ALA A 242 -11.50 14.07 -3.40
N VAL A 243 -10.46 13.42 -2.89
CA VAL A 243 -10.62 12.07 -2.33
C VAL A 243 -11.53 12.07 -1.10
N ARG A 244 -11.37 13.05 -0.21
CA ARG A 244 -12.27 13.17 0.93
C ARG A 244 -13.73 13.30 0.50
N TYR A 245 -14.02 14.15 -0.49
CA TYR A 245 -15.40 14.29 -0.93
C TYR A 245 -15.94 12.99 -1.53
N ALA A 246 -15.12 12.19 -2.22
CA ALA A 246 -15.58 10.89 -2.69
C ALA A 246 -16.00 10.00 -1.52
N PHE A 247 -15.17 9.91 -0.47
CA PHE A 247 -15.53 9.13 0.70
C PHE A 247 -16.83 9.65 1.30
N LEU A 248 -16.91 10.96 1.48
CA LEU A 248 -18.09 11.55 2.12
C LEU A 248 -19.35 11.32 1.32
N GLU A 249 -19.31 11.54 -0.01
CA GLU A 249 -20.48 11.30 -0.85
C GLU A 249 -21.01 9.90 -0.65
N LEU A 250 -20.10 8.93 -0.58
CA LEU A 250 -20.48 7.53 -0.52
C LEU A 250 -20.83 7.09 0.89
N GLY A 251 -20.70 7.95 1.88
CA GLY A 251 -21.04 7.57 3.25
C GLY A 251 -19.96 6.82 3.97
N VAL A 252 -18.73 6.86 3.48
CA VAL A 252 -17.62 6.19 4.12
C VAL A 252 -16.94 7.26 4.97
N ASP A 253 -17.58 7.62 6.09
CA ASP A 253 -17.11 8.70 6.95
C ASP A 253 -15.71 8.49 7.48
N ASP A 254 -15.32 7.23 7.72
CA ASP A 254 -14.06 6.82 8.31
C ASP A 254 -12.95 6.58 7.29
N GLY A 255 -13.18 6.86 5.99
CA GLY A 255 -12.18 6.64 4.96
C GLY A 255 -10.83 7.25 5.27
N VAL A 256 -9.78 6.56 4.85
CA VAL A 256 -8.41 6.91 5.19
C VAL A 256 -7.67 7.39 3.95
N ILE A 257 -6.98 8.51 4.07
CA ILE A 257 -6.17 9.05 2.99
C ILE A 257 -4.70 8.97 3.40
N VAL A 258 -3.90 8.31 2.57
CA VAL A 258 -2.44 8.26 2.72
C VAL A 258 -1.83 9.27 1.75
N ALA A 259 -1.12 10.25 2.28
CA ALA A 259 -0.47 11.27 1.44
C ALA A 259 0.98 10.84 1.28
N ARG A 260 1.34 10.54 0.05
CA ARG A 260 2.70 10.13 -0.25
C ARG A 260 3.48 11.34 -0.78
N THR A 261 4.68 11.53 -0.24
CA THR A 261 5.55 12.55 -0.78
C THR A 261 6.71 11.89 -1.50
N ASP A 262 7.01 12.38 -2.69
CA ASP A 262 8.15 11.96 -3.48
C ASP A 262 9.30 12.97 -3.45
N SER A 263 9.27 13.92 -2.53
CA SER A 263 10.24 15.03 -2.54
C SER A 263 11.66 14.57 -2.29
N LEU A 264 11.85 13.49 -1.54
CA LEU A 264 13.21 13.05 -1.25
C LEU A 264 14.00 12.80 -2.54
N GLY A 265 13.38 12.20 -3.54
CA GLY A 265 14.04 11.93 -4.80
C GLY A 265 13.62 12.85 -5.94
N ALA A 266 13.02 13.98 -5.62
CA ALA A 266 12.51 14.89 -6.65
C ALA A 266 13.30 16.19 -6.60
N GLY A 267 14.13 16.41 -7.61
CA GLY A 267 14.88 17.65 -7.69
C GLY A 267 14.30 18.70 -8.60
N LEU A 268 13.07 18.51 -9.08
CA LEU A 268 12.53 19.35 -10.13
C LEU A 268 11.08 19.72 -9.86
N THR A 269 10.64 20.78 -10.53
CA THR A 269 9.24 21.20 -10.48
C THR A 269 8.93 21.87 -11.81
N LYS A 270 7.70 21.69 -12.25
CA LYS A 270 7.23 22.29 -13.48
C LYS A 270 6.75 23.71 -13.26
N GLN A 271 6.13 23.94 -12.11
CA GLN A 271 5.52 25.21 -11.79
C GLN A 271 6.36 25.94 -10.75
N ILE A 272 6.30 27.25 -10.82
CA ILE A 272 6.63 28.14 -9.72
C ILE A 272 5.33 28.47 -9.02
N ALA A 273 5.30 28.25 -7.71
CA ALA A 273 4.08 28.33 -6.94
C ALA A 273 3.62 29.78 -6.84
N VAL A 274 2.31 29.97 -6.89
CA VAL A 274 1.72 31.28 -6.58
C VAL A 274 1.91 31.54 -5.10
N THR A 275 2.26 32.78 -4.75
CA THR A 275 2.43 33.17 -3.36
C THR A 275 1.76 34.53 -3.18
N ASN A 276 1.06 34.69 -2.06
CA ASN A 276 0.35 35.93 -1.75
C ASN A 276 1.02 36.74 -0.64
N GLU A 277 1.66 36.09 0.31
CA GLU A 277 2.42 36.81 1.33
C GLU A 277 3.64 35.98 1.71
N PRO A 278 4.70 36.64 2.16
CA PRO A 278 5.90 35.86 2.52
C PRO A 278 5.59 34.85 3.61
N GLY A 279 6.30 33.72 3.52
CA GLY A 279 6.13 32.65 4.48
C GLY A 279 5.00 31.68 4.22
N ASP A 280 4.07 31.97 3.30
CA ASP A 280 2.99 31.02 3.03
C ASP A 280 3.54 29.83 2.23
N LEU A 281 2.66 28.86 1.93
CA LEU A 281 3.13 27.61 1.33
C LEU A 281 3.77 27.84 -0.04
N GLY A 282 3.16 28.69 -0.86
CA GLY A 282 3.77 28.99 -2.15
C GLY A 282 5.19 29.51 -1.98
N ASP A 283 5.35 30.46 -1.06
CA ASP A 283 6.67 31.06 -0.86
C ASP A 283 7.66 30.03 -0.33
N LEU A 284 7.20 29.16 0.58
CA LEU A 284 8.08 28.11 1.12
C LEU A 284 8.54 27.16 0.01
N TYR A 285 7.60 26.71 -0.81
CA TYR A 285 7.97 25.87 -1.96
C TYR A 285 9.01 26.56 -2.83
N ASN A 286 8.75 27.81 -3.22
CA ASN A 286 9.70 28.51 -4.07
C ASN A 286 11.03 28.78 -3.39
N SER A 287 11.04 28.82 -2.05
CA SER A 287 12.28 29.10 -1.33
C SER A 287 13.34 28.05 -1.60
N PHE A 288 12.94 26.83 -1.98
CA PHE A 288 13.88 25.75 -2.24
C PHE A 288 14.44 25.77 -3.65
N LEU A 289 13.97 26.67 -4.51
CA LEU A 289 14.50 26.72 -5.86
C LEU A 289 15.98 27.10 -5.87
N ASP A 290 16.72 26.54 -6.82
CA ASP A 290 18.13 26.85 -7.02
C ASP A 290 18.26 28.00 -8.00
N CYS A 291 18.57 29.19 -7.48
CA CYS A 291 18.62 30.41 -8.25
C CYS A 291 20.05 30.95 -8.30
N GLU A 292 20.26 31.88 -9.23
CA GLU A 292 21.53 32.61 -9.31
C GLU A 292 21.23 34.06 -9.64
N GLU A 293 22.05 34.96 -9.10
CA GLU A 293 21.89 36.38 -9.40
C GLU A 293 22.61 36.69 -10.70
N ILE A 294 21.84 37.15 -11.69
CA ILE A 294 22.34 37.52 -13.00
C ILE A 294 21.90 38.96 -13.25
N SER A 295 22.82 39.80 -13.71
CA SER A 295 22.45 41.19 -13.99
C SER A 295 21.44 41.23 -15.12
N GLU A 296 20.54 42.23 -15.08
CA GLU A 296 19.54 42.34 -16.14
C GLU A 296 20.19 42.36 -17.52
N SER A 297 21.44 42.83 -17.60
CA SER A 297 22.16 42.85 -18.87
C SER A 297 22.69 41.47 -19.25
N GLU A 298 23.06 40.66 -18.26
CA GLU A 298 23.65 39.34 -18.47
C GLU A 298 22.60 38.26 -18.75
N LEU A 299 21.32 38.62 -18.75
CA LEU A 299 20.22 37.69 -18.91
C LEU A 299 19.91 37.43 -20.38
N GLY A 300 19.68 36.16 -20.72
CA GLY A 300 19.23 35.83 -22.06
C GLY A 300 17.81 36.29 -22.33
N ASN A 301 17.54 36.53 -23.62
CA ASN A 301 16.17 36.80 -24.05
C ASN A 301 15.27 35.64 -23.66
N GLY A 302 14.09 35.97 -23.11
CA GLY A 302 13.15 34.96 -22.70
C GLY A 302 13.43 34.31 -21.36
N ASP A 303 14.56 34.61 -20.73
CA ASP A 303 14.84 34.05 -19.42
C ASP A 303 13.73 34.42 -18.44
N VAL A 304 13.53 33.54 -17.46
CA VAL A 304 12.50 33.68 -16.45
C VAL A 304 13.19 33.93 -15.12
N VAL A 305 12.72 34.93 -14.38
CA VAL A 305 13.34 35.27 -13.12
C VAL A 305 12.24 35.53 -12.08
N ILE A 306 12.61 35.34 -10.82
CA ILE A 306 11.68 35.48 -9.71
C ILE A 306 12.26 36.47 -8.72
N LYS A 307 11.37 37.20 -8.05
CA LYS A 307 11.77 38.10 -6.98
C LYS A 307 11.73 37.33 -5.66
N ARG A 308 12.91 37.10 -5.08
CA ARG A 308 13.01 36.50 -3.76
C ARG A 308 13.84 37.41 -2.87
N GLU A 309 13.28 37.79 -1.72
CA GLU A 309 13.97 38.62 -0.74
C GLU A 309 14.55 39.86 -1.41
N GLY A 310 13.68 40.59 -2.11
CA GLY A 310 14.02 41.88 -2.68
C GLY A 310 14.87 41.89 -3.93
N LYS A 311 15.33 40.73 -4.41
CA LYS A 311 16.16 40.70 -5.60
C LYS A 311 15.55 39.79 -6.67
N LEU A 312 15.88 40.11 -7.91
CA LEU A 312 15.47 39.31 -9.07
C LEU A 312 16.53 38.24 -9.31
N LEU A 313 16.10 36.97 -9.28
CA LEU A 313 16.98 35.83 -9.36
C LEU A 313 16.52 34.92 -10.49
N ARG A 314 17.46 34.18 -11.08
CA ARG A 314 17.12 33.27 -12.17
C ARG A 314 17.15 31.82 -11.70
N PRO A 315 15.99 31.18 -11.50
CA PRO A 315 16.02 29.76 -11.12
C PRO A 315 16.61 28.93 -12.25
N LYS A 316 17.44 27.97 -11.87
CA LYS A 316 17.99 27.03 -12.83
C LYS A 316 16.85 26.25 -13.49
N ARG A 317 16.98 26.04 -14.79
CA ARG A 317 15.88 25.61 -15.64
C ARG A 317 16.43 24.69 -16.71
N LEU A 318 15.80 23.54 -16.90
CA LEU A 318 16.23 22.63 -17.94
C LEU A 318 15.53 22.95 -19.26
N ALA A 319 16.09 22.38 -20.33
CA ALA A 319 15.52 22.53 -21.66
C ALA A 319 14.10 22.03 -21.72
N SER A 320 13.77 21.03 -20.89
CA SER A 320 12.43 20.46 -20.76
C SER A 320 11.44 21.39 -20.06
N ASN A 321 11.86 22.60 -19.70
CA ASN A 321 10.99 23.58 -19.03
C ASN A 321 10.63 23.14 -17.61
N LEU A 322 11.62 22.57 -16.92
CA LEU A 322 11.52 22.22 -15.51
C LEU A 322 12.54 23.01 -14.69
N PHE A 323 12.14 23.43 -13.49
CA PHE A 323 13.02 24.19 -12.60
C PHE A 323 13.64 23.27 -11.54
N GLN A 324 14.85 23.62 -11.10
CA GLN A 324 15.59 22.75 -10.19
C GLN A 324 15.52 23.25 -8.75
N PHE A 325 15.33 22.31 -7.82
CA PHE A 325 15.53 22.59 -6.42
C PHE A 325 17.01 22.48 -6.06
N ARG A 326 17.40 23.19 -5.02
CA ARG A 326 18.75 23.05 -4.50
C ARG A 326 19.01 21.63 -4.06
N LYS A 327 20.20 21.11 -4.36
CA LYS A 327 20.60 19.83 -3.81
C LYS A 327 20.54 19.86 -2.28
N GLY A 328 20.30 18.69 -1.69
CA GLY A 328 20.24 18.54 -0.26
C GLY A 328 18.99 19.07 0.41
N THR A 329 17.96 19.44 -0.35
CA THR A 329 16.72 19.94 0.23
C THR A 329 15.61 18.89 0.22
N GLY A 330 15.91 17.65 -0.17
CA GLY A 330 14.90 16.62 -0.24
C GLY A 330 14.22 16.38 1.09
N GLU A 331 15.02 16.19 2.16
CA GLU A 331 14.45 15.92 3.48
C GLU A 331 13.62 17.10 3.98
N ASP A 332 14.12 18.33 3.83
CA ASP A 332 13.36 19.50 4.29
C ASP A 332 12.01 19.59 3.57
N ARG A 333 12.01 19.37 2.26
CA ARG A 333 10.76 19.41 1.51
C ARG A 333 9.84 18.26 1.93
N CYS A 334 10.37 17.07 2.20
CA CYS A 334 9.52 15.99 2.68
C CYS A 334 8.84 16.36 3.98
N VAL A 335 9.58 16.97 4.90
CA VAL A 335 9.01 17.29 6.20
C VAL A 335 7.92 18.32 6.04
N LEU A 336 8.15 19.34 5.21
CA LEU A 336 7.10 20.32 4.93
C LEU A 336 5.88 19.65 4.29
N ASP A 337 6.12 18.83 3.28
CA ASP A 337 5.04 18.09 2.61
C ASP A 337 4.18 17.35 3.62
N CYS A 338 4.83 16.59 4.51
CA CYS A 338 4.12 15.71 5.42
C CYS A 338 3.34 16.50 6.44
N ILE A 339 3.98 17.49 7.08
CA ILE A 339 3.26 18.32 8.04
C ILE A 339 2.05 18.95 7.36
N THR A 340 2.25 19.49 6.16
CA THR A 340 1.17 20.14 5.44
C THR A 340 0.03 19.17 5.15
N SER A 341 0.34 17.93 4.78
CA SER A 341 -0.70 16.95 4.48
C SER A 341 -1.54 16.63 5.69
N LEU A 342 -0.90 16.37 6.84
CA LEU A 342 -1.67 16.04 8.03
C LEU A 342 -2.44 17.24 8.55
N GLN A 343 -1.93 18.45 8.35
CA GLN A 343 -2.67 19.64 8.74
C GLN A 343 -3.87 19.91 7.85
N ASN A 344 -3.95 19.26 6.67
CA ASN A 344 -4.96 19.61 5.69
C ASN A 344 -5.69 18.40 5.12
N GLY A 345 -5.89 17.37 5.92
CA GLY A 345 -6.88 16.36 5.61
C GLY A 345 -6.34 14.96 5.40
N ALA A 346 -5.03 14.74 5.30
CA ALA A 346 -4.56 13.36 5.21
C ALA A 346 -4.58 12.70 6.57
N ASP A 347 -4.60 11.37 6.55
CA ASP A 347 -4.66 10.56 7.77
C ASP A 347 -3.36 9.85 8.08
N LEU A 348 -2.57 9.53 7.05
CA LEU A 348 -1.34 8.77 7.14
C LEU A 348 -0.39 9.34 6.12
N LEU A 349 0.87 9.02 6.31
CA LEU A 349 1.94 9.52 5.48
C LEU A 349 2.64 8.36 4.80
N TRP A 350 3.25 8.67 3.65
CA TRP A 350 4.17 7.76 2.98
C TRP A 350 5.33 8.58 2.46
N ILE A 351 6.53 8.33 2.97
CA ILE A 351 7.73 9.01 2.51
C ILE A 351 8.50 8.02 1.67
N GLU A 352 8.58 8.28 0.35
CA GLU A 352 9.28 7.39 -0.56
C GLU A 352 10.78 7.61 -0.35
N THR A 353 11.49 6.56 0.05
CA THR A 353 12.92 6.62 0.33
C THR A 353 13.70 5.78 -0.68
N GLU A 354 15.02 5.97 -0.66
CA GLU A 354 15.94 5.32 -1.58
C GLU A 354 16.69 4.14 -0.95
N LYS A 355 16.44 3.82 0.31
CA LYS A 355 17.09 2.70 0.98
C LYS A 355 16.37 2.40 2.28
N PRO A 356 16.38 1.14 2.76
CA PRO A 356 15.74 0.83 4.03
C PRO A 356 16.63 1.14 5.22
N HIS A 357 16.41 2.28 5.87
CA HIS A 357 17.35 2.79 6.87
C HIS A 357 16.51 3.41 7.99
N VAL A 358 16.47 2.75 9.16
CA VAL A 358 15.58 3.18 10.23
C VAL A 358 15.96 4.59 10.72
N GLY A 359 17.26 4.82 10.93
CA GLY A 359 17.69 6.14 11.40
C GLY A 359 17.31 7.27 10.46
N GLN A 360 17.46 7.05 9.14
CA GLN A 360 17.11 8.07 8.17
C GLN A 360 15.63 8.44 8.27
N ILE A 361 14.76 7.43 8.35
CA ILE A 361 13.32 7.71 8.38
C ILE A 361 12.92 8.28 9.73
N LYS A 362 13.48 7.75 10.82
CA LYS A 362 13.27 8.30 12.16
C LYS A 362 13.59 9.79 12.24
N ALA A 363 14.68 10.20 11.62
CA ALA A 363 15.07 11.61 11.63
C ALA A 363 13.97 12.47 11.07
N MET A 364 13.39 12.06 9.93
CA MET A 364 12.32 12.83 9.33
C MET A 364 11.06 12.77 10.16
N VAL A 365 10.72 11.59 10.69
CA VAL A 365 9.51 11.46 11.47
C VAL A 365 9.60 12.26 12.77
N ASP A 366 10.79 12.30 13.39
CA ASP A 366 10.97 13.14 14.58
C ASP A 366 10.68 14.60 14.29
N ARG A 367 11.18 15.11 13.15
CA ARG A 367 10.88 16.48 12.79
C ARG A 367 9.40 16.67 12.56
N ILE A 368 8.75 15.70 11.93
CA ILE A 368 7.33 15.83 11.70
C ILE A 368 6.56 15.79 13.02
N ARG A 369 6.95 14.90 13.93
CA ARG A 369 6.20 14.70 15.16
C ARG A 369 6.40 15.83 16.18
N GLU A 370 7.44 16.63 16.03
CA GLU A 370 7.52 17.82 16.86
C GLU A 370 6.39 18.80 16.55
N VAL A 371 5.74 18.65 15.39
CA VAL A 371 4.53 19.42 15.05
C VAL A 371 3.26 18.58 15.21
N ILE A 372 3.25 17.35 14.69
CA ILE A 372 2.08 16.47 14.74
C ILE A 372 2.48 15.20 15.51
N PRO A 373 2.22 15.12 16.81
CA PRO A 373 2.95 14.13 17.62
C PRO A 373 2.64 12.68 17.34
N ASN A 374 1.45 12.35 16.82
CA ASN A 374 1.08 10.97 16.52
C ASN A 374 1.13 10.65 15.02
N ALA A 375 1.89 11.42 14.24
CA ALA A 375 1.97 11.17 12.81
C ALA A 375 2.44 9.74 12.54
N LYS A 376 1.77 9.08 11.61
CA LYS A 376 1.96 7.66 11.34
C LYS A 376 2.32 7.45 9.88
N LEU A 377 3.25 6.52 9.64
CA LEU A 377 3.74 6.25 8.31
C LEU A 377 3.26 4.90 7.79
N VAL A 378 3.08 4.87 6.47
CA VAL A 378 3.02 3.65 5.68
C VAL A 378 4.38 3.57 5.00
N TYR A 379 5.08 2.46 5.18
CA TYR A 379 6.46 2.33 4.73
C TYR A 379 6.61 1.20 3.71
N ASN A 380 7.11 1.55 2.54
CA ASN A 380 7.38 0.61 1.47
C ASN A 380 8.74 -0.02 1.72
N ASN A 381 8.72 -1.29 2.09
CA ASN A 381 9.91 -2.14 2.19
C ASN A 381 10.25 -2.55 0.76
N SER A 382 11.00 -1.70 0.06
CA SER A 382 10.94 -1.74 -1.40
C SER A 382 11.64 -3.00 -1.94
N PRO A 383 11.05 -3.68 -2.92
CA PRO A 383 11.68 -4.87 -3.48
C PRO A 383 12.85 -4.54 -4.38
N SER A 384 13.02 -3.28 -4.74
CA SER A 384 14.13 -2.83 -5.59
C SER A 384 15.36 -2.39 -4.78
N PHE A 385 15.28 -2.39 -3.45
CA PHE A 385 16.46 -2.25 -2.61
C PHE A 385 17.20 -3.60 -2.57
N ASN A 386 18.53 -3.55 -2.62
CA ASN A 386 19.30 -4.77 -2.36
C ASN A 386 19.46 -4.87 -0.85
N TRP A 387 18.63 -5.73 -0.23
CA TRP A 387 18.51 -5.69 1.23
C TRP A 387 19.77 -6.18 1.89
N THR A 388 20.44 -7.14 1.28
CA THR A 388 21.64 -7.70 1.87
C THR A 388 22.80 -6.72 1.84
N LEU A 389 23.08 -6.12 0.70
CA LEU A 389 24.10 -5.09 0.65
C LEU A 389 23.84 -3.99 1.67
N ASN A 390 22.67 -3.32 1.55
CA ASN A 390 22.34 -2.23 2.48
C ASN A 390 22.60 -2.61 3.93
N PHE A 391 22.18 -3.81 4.34
CA PHE A 391 22.22 -4.15 5.77
C PHE A 391 23.55 -4.71 6.24
N ARG A 392 24.27 -5.47 5.42
CA ARG A 392 25.66 -5.78 5.76
C ARG A 392 26.49 -4.50 5.86
N GLN A 393 26.32 -3.58 4.91
CA GLN A 393 26.96 -2.27 5.03
C GLN A 393 26.50 -1.54 6.27
N GLN A 394 25.21 -1.57 6.60
CA GLN A 394 24.74 -0.89 7.80
C GLN A 394 25.36 -1.50 9.06
N VAL A 395 25.48 -2.83 9.09
CA VAL A 395 26.04 -3.51 10.25
C VAL A 395 27.56 -3.34 10.29
N PHE A 396 28.20 -3.21 9.12
CA PHE A 396 29.62 -2.91 9.11
C PHE A 396 29.91 -1.59 9.83
N ASP A 397 29.15 -0.54 9.49
CA ASP A 397 29.39 0.79 10.07
C ASP A 397 28.92 0.87 11.51
N ALA A 398 27.91 0.09 11.90
CA ALA A 398 27.55 0.01 13.31
C ALA A 398 28.70 -0.58 14.11
N PHE A 399 29.45 -1.52 13.54
CA PHE A 399 30.70 -1.94 14.15
C PHE A 399 31.60 -0.73 14.39
N VAL A 400 31.99 -0.02 13.32
CA VAL A 400 33.03 1.00 13.38
C VAL A 400 32.92 1.93 14.60
N ALA A 401 31.74 2.00 15.25
CA ALA A 401 31.62 2.77 16.49
C ALA A 401 32.62 2.27 17.54
N GLU A 402 32.47 1.01 17.97
CA GLU A 402 33.50 0.26 18.71
C GLU A 402 33.72 -1.08 18.02
N GLY A 403 33.46 -1.13 16.71
CA GLY A 403 33.62 -2.36 15.98
C GLY A 403 35.09 -2.63 15.77
N LYS A 404 35.57 -3.54 16.58
CA LYS A 404 36.93 -3.89 16.50
C LYS A 404 37.21 -4.48 15.22
N ASP A 405 36.32 -5.32 14.80
CA ASP A 405 36.64 -6.10 13.67
C ASP A 405 36.94 -5.42 12.38
N VAL A 406 36.14 -4.43 11.98
CA VAL A 406 36.30 -3.61 10.76
C VAL A 406 37.29 -4.13 9.68
N SER A 407 38.61 -4.14 9.95
CA SER A 407 39.68 -4.60 9.05
C SER A 407 39.49 -5.98 8.46
N ALA A 408 38.88 -6.91 9.21
CA ALA A 408 38.57 -8.27 8.73
C ALA A 408 37.50 -8.31 7.58
N TYR A 409 36.77 -7.22 7.41
CA TYR A 409 35.71 -7.10 6.42
C TYR A 409 36.02 -5.92 5.51
N ASP A 410 35.96 -6.08 4.19
CA ASP A 410 36.32 -5.01 3.28
C ASP A 410 35.49 -3.73 3.27
N ARG A 411 34.15 -3.91 3.16
CA ARG A 411 32.99 -2.96 3.01
C ARG A 411 32.52 -2.80 1.55
N ASN A 412 33.35 -3.23 0.60
CA ASN A 412 33.04 -3.20 -0.81
C ASN A 412 32.65 -4.53 -1.42
N LYS A 413 33.00 -5.60 -0.76
CA LYS A 413 32.64 -6.92 -1.21
C LYS A 413 31.83 -7.60 -0.16
N LEU A 414 31.18 -6.82 0.68
CA LEU A 414 30.40 -7.38 1.78
C LEU A 414 29.31 -8.24 1.24
N MET A 415 28.62 -7.75 0.23
CA MET A 415 27.58 -8.57 -0.31
C MET A 415 28.44 -9.49 -1.09
N SER A 416 28.33 -10.76 -0.80
CA SER A 416 29.21 -11.65 -1.48
C SER A 416 28.61 -12.97 -1.58
N VAL A 417 29.30 -13.81 -2.34
CA VAL A 417 28.87 -15.15 -2.42
C VAL A 417 29.06 -15.70 -1.04
N GLU A 418 30.25 -15.52 -0.45
CA GLU A 418 30.49 -16.08 0.86
C GLU A 418 31.10 -15.28 1.97
N TYR A 419 30.28 -14.41 2.51
CA TYR A 419 30.55 -13.76 3.78
C TYR A 419 29.51 -14.35 4.77
N ASP A 420 28.83 -15.43 4.37
CA ASP A 420 27.85 -16.18 5.08
C ASP A 420 28.57 -16.87 6.22
N ASP A 421 27.84 -16.94 7.31
CA ASP A 421 28.20 -17.52 8.57
C ASP A 421 29.05 -16.63 9.40
N THR A 422 29.47 -15.54 8.80
CA THR A 422 30.17 -14.51 9.57
C THR A 422 29.19 -13.90 10.58
N GLU A 423 29.75 -13.18 11.56
CA GLU A 423 28.87 -12.47 12.50
C GLU A 423 28.14 -11.33 11.80
N LEU A 424 28.84 -10.62 10.90
CA LEU A 424 28.22 -9.57 10.08
C LEU A 424 27.04 -10.10 9.27
N ALA A 425 27.08 -11.36 8.83
CA ALA A 425 26.00 -11.88 7.99
C ALA A 425 24.82 -12.30 8.84
N LYS A 426 25.06 -13.16 9.82
CA LYS A 426 23.99 -13.55 10.72
C LYS A 426 23.35 -12.33 11.37
N VAL A 427 24.15 -11.31 11.68
CA VAL A 427 23.61 -10.10 12.30
C VAL A 427 22.87 -9.27 11.25
N ALA A 428 23.40 -9.20 10.03
CA ALA A 428 22.70 -8.49 8.96
C ALA A 428 21.33 -9.11 8.71
N ASP A 429 21.26 -10.44 8.66
CA ASP A 429 19.98 -11.13 8.47
C ASP A 429 19.04 -10.89 9.64
N GLU A 430 19.57 -10.85 10.86
CA GLU A 430 18.74 -10.53 12.02
C GLU A 430 18.22 -9.10 11.94
N LYS A 431 19.05 -8.14 11.52
CA LYS A 431 18.55 -6.78 11.35
C LYS A 431 17.44 -6.73 10.29
N ILE A 432 17.58 -7.50 9.21
CA ILE A 432 16.52 -7.59 8.21
C ILE A 432 15.24 -8.15 8.85
N ARG A 433 15.38 -9.22 9.63
CA ARG A 433 14.22 -9.86 10.26
C ARG A 433 13.49 -8.92 11.19
N THR A 434 14.22 -8.07 11.92
CA THR A 434 13.62 -7.15 12.87
C THR A 434 13.40 -5.75 12.30
N PHE A 435 13.70 -5.53 11.00
CA PHE A 435 13.60 -4.19 10.44
C PHE A 435 12.21 -3.62 10.66
N GLN A 436 11.15 -4.42 10.45
CA GLN A 436 9.83 -3.83 10.49
C GLN A 436 9.49 -3.44 11.92
N ARG A 437 9.70 -4.38 12.84
CA ARG A 437 9.50 -4.12 14.26
C ARG A 437 10.23 -2.86 14.72
N ASP A 438 11.51 -2.75 14.32
CA ASP A 438 12.33 -1.63 14.75
C ASP A 438 11.83 -0.32 14.18
N GLY A 439 11.53 -0.29 12.88
CA GLY A 439 10.94 0.90 12.30
C GLY A 439 9.60 1.25 12.90
N SER A 440 8.81 0.26 13.29
CA SER A 440 7.54 0.60 13.90
C SER A 440 7.74 1.12 15.33
N ALA A 441 8.77 0.65 16.02
CA ALA A 441 9.05 1.10 17.38
C ALA A 441 9.66 2.49 17.39
N HIS A 442 10.52 2.81 16.41
CA HIS A 442 11.34 4.01 16.49
C HIS A 442 11.04 5.07 15.45
N ALA A 443 10.31 4.73 14.39
CA ALA A 443 10.16 5.66 13.29
C ALA A 443 8.69 5.88 12.90
N GLY A 444 7.76 5.54 13.79
CA GLY A 444 6.37 5.89 13.62
C GLY A 444 5.67 5.12 12.52
N ILE A 445 6.20 3.98 12.11
CA ILE A 445 5.62 3.23 11.00
C ILE A 445 4.45 2.39 11.49
N PHE A 446 3.24 2.76 11.05
CA PHE A 446 2.04 2.01 11.38
C PHE A 446 1.87 0.79 10.48
N HIS A 447 2.30 0.90 9.22
CA HIS A 447 2.04 -0.12 8.21
C HIS A 447 3.27 -0.35 7.36
N HIS A 448 3.63 -1.63 7.23
CA HIS A 448 4.73 -2.08 6.40
C HIS A 448 4.15 -2.86 5.21
N LEU A 449 4.52 -2.48 4.01
CA LEU A 449 4.15 -3.24 2.83
C LEU A 449 5.37 -3.47 1.95
N ILE A 450 5.23 -4.44 1.04
CA ILE A 450 6.06 -4.55 -0.13
C ILE A 450 5.14 -4.30 -1.33
N THR A 451 5.62 -3.50 -2.28
CA THR A 451 4.78 -3.03 -3.38
C THR A 451 4.52 -4.14 -4.39
N LEU A 452 5.58 -4.74 -4.94
CA LEU A 452 5.38 -5.70 -6.04
C LEU A 452 6.00 -7.05 -5.74
N PRO A 453 5.82 -7.60 -4.54
CA PRO A 453 6.43 -8.91 -4.24
C PRO A 453 5.85 -10.06 -5.04
N THR A 454 4.57 -10.01 -5.39
CA THR A 454 3.98 -11.16 -6.05
C THR A 454 4.20 -11.14 -7.56
N TYR A 455 4.67 -10.01 -8.12
CA TYR A 455 5.30 -10.03 -9.45
C TYR A 455 6.47 -11.01 -9.46
N HIS A 456 7.37 -10.89 -8.47
CA HIS A 456 8.54 -11.72 -8.44
C HIS A 456 8.22 -13.16 -8.08
N THR A 457 7.32 -13.40 -7.11
CA THR A 457 7.04 -14.78 -6.73
C THR A 457 6.38 -15.53 -7.89
N ALA A 458 5.50 -14.87 -8.63
CA ALA A 458 4.88 -15.54 -9.80
C ALA A 458 5.92 -15.82 -10.87
N ALA A 459 6.81 -14.88 -11.17
CA ALA A 459 7.85 -15.11 -12.17
C ALA A 459 8.75 -16.29 -11.77
N LEU A 460 9.23 -16.25 -10.52
CA LEU A 460 10.16 -17.25 -10.03
C LEU A 460 9.54 -18.64 -10.04
N SER A 461 8.31 -18.76 -9.55
CA SER A 461 7.71 -20.07 -9.46
C SER A 461 7.42 -20.61 -10.85
N THR A 462 7.06 -19.74 -11.81
CA THR A 462 6.90 -20.22 -13.18
C THR A 462 8.22 -20.68 -13.78
N ASP A 463 9.28 -19.87 -13.63
CA ASP A 463 10.60 -20.25 -14.13
C ASP A 463 11.08 -21.56 -13.51
N ASN A 464 10.85 -21.73 -12.22
CA ASN A 464 11.39 -22.92 -11.56
C ASN A 464 10.72 -24.19 -12.07
N LEU A 465 9.41 -24.13 -12.38
CA LEU A 465 8.76 -25.28 -12.97
C LEU A 465 9.18 -25.47 -14.43
N ALA A 466 9.16 -24.40 -15.23
CA ALA A 466 9.44 -24.53 -16.66
C ALA A 466 10.83 -25.12 -16.88
N LYS A 467 11.79 -24.69 -16.06
CA LYS A 467 13.19 -25.06 -16.20
C LYS A 467 13.37 -26.57 -16.19
N GLY A 468 12.62 -27.28 -15.35
CA GLY A 468 12.66 -28.73 -15.29
C GLY A 468 11.73 -29.41 -16.27
N TYR A 469 10.47 -28.99 -16.31
CA TYR A 469 9.46 -29.68 -17.09
C TYR A 469 9.80 -29.84 -18.53
N PHE A 470 10.32 -28.81 -19.12
CA PHE A 470 10.64 -28.80 -20.54
C PHE A 470 12.00 -29.43 -20.87
N ALA A 471 12.77 -29.74 -19.84
CA ALA A 471 14.07 -30.34 -19.97
C ALA A 471 13.99 -31.77 -19.37
N ASP A 472 15.07 -32.48 -19.09
CA ASP A 472 15.02 -33.83 -18.62
C ASP A 472 14.10 -34.28 -17.55
N GLU A 473 13.68 -33.41 -16.66
CA GLU A 473 12.79 -33.84 -15.60
C GLU A 473 11.36 -34.16 -16.01
N GLY A 474 10.87 -33.57 -17.10
CA GLY A 474 9.51 -33.84 -17.54
C GLY A 474 8.53 -33.72 -16.39
N MET A 475 7.60 -34.70 -16.28
CA MET A 475 6.56 -34.63 -15.27
C MET A 475 7.10 -34.69 -13.86
N LEU A 476 8.32 -35.20 -13.68
CA LEU A 476 8.89 -35.26 -12.34
C LEU A 476 9.10 -33.84 -11.78
N ALA A 477 9.34 -32.85 -12.64
CA ALA A 477 9.50 -31.49 -12.16
C ALA A 477 8.22 -30.99 -11.53
N TYR A 478 7.07 -31.37 -12.10
CA TYR A 478 5.79 -30.99 -11.51
C TYR A 478 5.48 -31.80 -10.25
N VAL A 479 5.69 -33.11 -10.30
CA VAL A 479 5.36 -33.93 -9.14
C VAL A 479 6.20 -33.53 -7.94
N LYS A 480 7.50 -33.39 -8.15
CA LYS A 480 8.41 -32.98 -7.08
C LYS A 480 8.17 -31.52 -6.69
N GLY A 481 8.22 -30.62 -7.66
CA GLY A 481 8.15 -29.20 -7.36
C GLY A 481 6.80 -28.74 -6.85
N VAL A 482 5.72 -29.41 -7.26
CA VAL A 482 4.39 -28.92 -6.98
C VAL A 482 3.60 -29.91 -6.16
N GLN A 483 3.39 -31.11 -6.70
CA GLN A 483 2.49 -32.05 -6.07
C GLN A 483 2.99 -32.53 -4.72
N ARG A 484 4.29 -32.63 -4.54
CA ARG A 484 4.81 -33.14 -3.28
C ARG A 484 4.72 -32.11 -2.17
N GLN A 485 4.80 -30.83 -2.50
CA GLN A 485 4.72 -29.80 -1.46
C GLN A 485 3.29 -29.71 -0.89
N GLU A 486 2.28 -29.68 -1.77
CA GLU A 486 0.87 -29.73 -1.31
C GLU A 486 0.31 -31.14 -1.53
CA CA B . 1.79 4.78 -7.38
C1 GLV C . 3.53 6.99 -10.47
O1 GLV C . 2.65 7.05 -11.30
C2 GLV C . 3.47 5.95 -9.38
O2 GLV C . 4.20 6.01 -8.34
O3 GLV C . 2.66 4.99 -9.51
#